data_1TL9
#
_entry.id   1TL9
#
_cell.length_a   55.670
_cell.length_b   68.160
_cell.length_c   91.140
_cell.angle_alpha   90.00
_cell.angle_beta   90.00
_cell.angle_gamma   90.00
#
_symmetry.space_group_name_H-M   'P 21 21 21'
#
loop_
_entity.id
_entity.type
_entity.pdbx_description
1 polymer 'Calpain 1, large [catalytic] subunit'
2 polymer 'leupeptin inhibitor'
3 non-polymer 'CALCIUM ION'
4 water water
#
loop_
_entity_poly.entity_id
_entity_poly.type
_entity_poly.pdbx_seq_one_letter_code
_entity_poly.pdbx_strand_id
1 'polypeptide(L)'
;MGLGRHENAIKYLGQDYENLRARCLQNGVLFQDDAFPPVSHSLGFKELGPNSSKTYGIKWKRPTELLSNPQFIVDGATRT
DICQGALGDCWLLAAIASLTLNETILHRVVPYGQSFQEGYAGIFHFQLWQFGEWVDVVVDDLLPTKDGKLVFVHSAQGNE
FWSALLEKAYAKVNGSYEALSGGCTSEAFEDFTGGVTEWYDLQKAPSDLYQIILKALERGSLLGCSINISDIRDLEAITF
KNLVRGHAYSVTDAKQVTYQGQRVNLIRMRNPWGEVEWKGPWSDNSYEWNKVDPYEREQLRVKMEDGEFWMSFRDFIREF
TKLEICNLTPDLEHHHHHH
;
A
2 'polypeptide(L)' (ACE)LL(AR7) B
#
# COMPACT_ATOMS: atom_id res chain seq x y z
N ASN A 8 -21.82 -13.80 -0.16
CA ASN A 8 -20.88 -13.67 -1.31
C ASN A 8 -19.45 -14.10 -0.93
N ALA A 9 -19.19 -14.15 0.37
CA ALA A 9 -17.89 -14.54 0.92
C ALA A 9 -18.07 -15.11 2.32
N ILE A 10 -17.05 -15.81 2.81
CA ILE A 10 -17.06 -16.42 4.15
C ILE A 10 -16.86 -15.32 5.19
N LYS A 11 -17.61 -15.41 6.28
CA LYS A 11 -17.54 -14.44 7.37
C LYS A 11 -16.38 -14.79 8.29
N TYR A 12 -15.33 -13.96 8.27
CA TYR A 12 -14.14 -14.16 9.11
C TYR A 12 -14.52 -14.08 10.60
N LEU A 13 -14.19 -15.15 11.33
CA LEU A 13 -14.48 -15.31 12.77
C LEU A 13 -15.98 -15.27 13.11
N GLY A 14 -16.81 -15.60 12.10
CA GLY A 14 -18.25 -15.59 12.25
C GLY A 14 -18.91 -14.22 12.29
N GLN A 15 -18.11 -13.19 12.01
CA GLN A 15 -18.60 -11.81 12.01
C GLN A 15 -19.21 -11.42 10.66
N ASP A 16 -20.52 -11.19 10.69
CA ASP A 16 -21.30 -10.83 9.52
C ASP A 16 -21.47 -9.31 9.48
N TYR A 17 -20.85 -8.65 8.50
CA TYR A 17 -20.93 -7.19 8.35
C TYR A 17 -22.36 -6.64 8.29
N GLU A 18 -23.14 -7.15 7.33
CA GLU A 18 -24.52 -6.73 7.12
C GLU A 18 -25.38 -6.81 8.38
N ASN A 19 -25.28 -7.94 9.09
CA ASN A 19 -26.04 -8.16 10.33
C ASN A 19 -25.55 -7.30 11.50
N LEU A 20 -24.24 -7.14 11.63
CA LEU A 20 -23.67 -6.33 12.72
C LEU A 20 -23.92 -4.83 12.50
N ARG A 21 -23.88 -4.40 11.23
CA ARG A 21 -24.14 -3.00 10.84
C ARG A 21 -25.59 -2.66 11.10
N ALA A 22 -26.49 -3.57 10.69
CA ALA A 22 -27.94 -3.40 10.85
C ALA A 22 -28.33 -3.33 12.33
N ARG A 23 -27.73 -4.19 13.14
CA ARG A 23 -27.98 -4.25 14.58
C ARG A 23 -27.47 -3.00 15.30
N CYS A 24 -26.35 -2.46 14.82
CA CYS A 24 -25.75 -1.25 15.39
C CYS A 24 -26.49 0.02 14.96
N LEU A 25 -26.96 0.04 13.70
CA LEU A 25 -27.71 1.17 13.14
C LEU A 25 -29.09 1.31 13.76
N GLN A 26 -29.81 0.19 13.83
CA GLN A 26 -31.16 0.13 14.40
C GLN A 26 -31.21 0.43 15.89
N ASN A 27 -30.19 -0.01 16.63
CA ASN A 27 -30.11 0.24 18.07
C ASN A 27 -29.42 1.55 18.42
N GLY A 28 -28.89 2.24 17.41
CA GLY A 28 -28.23 3.53 17.58
C GLY A 28 -26.91 3.52 18.32
N VAL A 29 -26.16 2.43 18.21
CA VAL A 29 -24.87 2.27 18.88
C VAL A 29 -23.75 2.10 17.85
N LEU A 30 -22.52 2.36 18.29
CA LEU A 30 -21.33 2.22 17.44
C LEU A 30 -20.69 0.86 17.71
N PHE A 31 -20.26 0.19 16.64
CA PHE A 31 -19.65 -1.13 16.73
C PHE A 31 -18.29 -1.13 17.46
N GLN A 32 -18.13 -2.13 18.31
CA GLN A 32 -16.89 -2.35 19.07
C GLN A 32 -16.50 -3.78 18.71
N ASP A 33 -15.34 -3.92 18.08
CA ASP A 33 -14.82 -5.20 17.63
C ASP A 33 -14.21 -6.04 18.75
N ASP A 34 -14.93 -7.09 19.16
CA ASP A 34 -14.50 -8.01 20.21
C ASP A 34 -13.34 -8.92 19.80
N ALA A 35 -13.09 -8.98 18.49
CA ALA A 35 -12.00 -9.79 17.95
C ALA A 35 -10.68 -9.03 17.87
N PHE A 36 -10.76 -7.71 18.07
CA PHE A 36 -9.58 -6.84 18.03
C PHE A 36 -9.77 -5.62 18.95
N PRO A 37 -9.56 -5.80 20.28
CA PRO A 37 -9.73 -4.70 21.24
C PRO A 37 -8.73 -3.54 21.08
N PRO A 38 -9.18 -2.29 21.26
CA PRO A 38 -8.34 -1.10 21.13
C PRO A 38 -7.35 -0.94 22.30
N VAL A 39 -6.43 -1.88 22.42
CA VAL A 39 -5.45 -1.92 23.51
C VAL A 39 -3.98 -2.10 23.10
N SER A 40 -3.10 -2.10 24.10
CA SER A 40 -1.65 -2.24 23.92
C SER A 40 -1.20 -3.48 23.14
N HIS A 41 -1.87 -4.61 23.39
CA HIS A 41 -1.56 -5.88 22.72
C HIS A 41 -1.85 -5.81 21.22
N SER A 42 -2.88 -5.03 20.87
CA SER A 42 -3.26 -4.86 19.47
C SER A 42 -2.28 -4.01 18.68
N LEU A 43 -1.47 -3.22 19.39
CA LEU A 43 -0.42 -2.41 18.75
C LEU A 43 0.78 -3.32 18.54
N GLY A 44 1.23 -3.95 19.64
CA GLY A 44 2.37 -4.84 19.55
C GLY A 44 2.94 -5.36 20.85
N PHE A 45 4.17 -5.87 20.75
CA PHE A 45 4.89 -6.50 21.87
C PHE A 45 6.35 -6.08 22.09
N LYS A 46 6.97 -5.50 21.05
CA LYS A 46 8.38 -5.09 21.11
C LYS A 46 8.57 -3.75 20.40
N GLU A 47 8.54 -3.76 19.06
CA GLU A 47 8.69 -2.55 18.24
C GLU A 47 7.55 -1.58 18.53
N LEU A 48 6.35 -2.16 18.73
CA LEU A 48 5.17 -1.39 19.06
C LEU A 48 4.61 -1.83 20.40
N GLY A 49 5.52 -2.21 21.29
CA GLY A 49 5.15 -2.64 22.63
C GLY A 49 4.88 -1.47 23.55
N PRO A 50 4.31 -1.69 24.76
CA PRO A 50 4.01 -0.63 25.72
C PRO A 50 5.21 0.22 26.16
N ASN A 51 6.40 -0.37 26.06
CA ASN A 51 7.65 0.29 26.44
C ASN A 51 8.36 1.00 25.28
N SER A 52 7.81 0.86 24.07
CA SER A 52 8.40 1.49 22.88
C SER A 52 8.01 2.96 22.80
N SER A 53 9.00 3.82 22.53
CA SER A 53 8.82 5.27 22.42
C SER A 53 7.85 5.72 21.34
N LYS A 54 7.69 4.89 20.31
CA LYS A 54 6.78 5.15 19.20
C LYS A 54 5.32 5.04 19.62
N THR A 55 5.07 4.34 20.73
CA THR A 55 3.70 4.16 21.25
C THR A 55 3.29 5.10 22.37
N TYR A 56 4.21 5.93 22.87
CA TYR A 56 3.91 6.87 23.95
C TYR A 56 2.91 7.93 23.49
N GLY A 57 1.80 8.04 24.22
CA GLY A 57 0.77 9.01 23.90
C GLY A 57 -0.28 8.56 22.90
N ILE A 58 -0.20 7.31 22.44
CA ILE A 58 -1.18 6.78 21.48
C ILE A 58 -2.55 6.60 22.12
N LYS A 59 -3.55 7.15 21.44
CA LYS A 59 -4.95 7.07 21.86
C LYS A 59 -5.71 6.52 20.66
N TRP A 60 -6.60 5.57 20.92
CA TRP A 60 -7.41 4.98 19.86
C TRP A 60 -8.66 5.85 19.69
N LYS A 61 -8.80 6.42 18.50
CA LYS A 61 -9.91 7.31 18.17
C LYS A 61 -10.56 6.99 16.83
N ARG A 62 -11.87 7.24 16.77
CA ARG A 62 -12.65 7.04 15.55
C ARG A 62 -12.43 8.30 14.72
N PRO A 63 -12.47 8.21 13.37
CA PRO A 63 -12.27 9.37 12.49
C PRO A 63 -13.19 10.58 12.74
N THR A 64 -14.33 10.31 13.37
CA THR A 64 -15.32 11.34 13.72
C THR A 64 -14.82 12.26 14.84
N GLU A 65 -13.86 11.75 15.61
CA GLU A 65 -13.25 12.47 16.73
C GLU A 65 -12.01 13.29 16.30
N LEU A 66 -11.48 12.98 15.11
CA LEU A 66 -10.30 13.65 14.57
C LEU A 66 -10.57 14.95 13.82
N LEU A 67 -11.61 14.94 12.99
CA LEU A 67 -12.03 16.11 12.21
C LEU A 67 -13.54 16.13 12.02
N SER A 68 -14.07 17.26 11.55
CA SER A 68 -15.49 17.47 11.33
C SER A 68 -16.12 16.68 10.18
N ASN A 69 -15.36 16.50 9.10
CA ASN A 69 -15.88 15.78 7.93
C ASN A 69 -15.05 14.56 7.49
N PRO A 70 -15.11 13.43 8.23
CA PRO A 70 -14.35 12.26 7.81
C PRO A 70 -15.01 11.58 6.62
N GLN A 71 -14.18 11.13 5.68
CA GLN A 71 -14.67 10.45 4.48
C GLN A 71 -13.95 9.12 4.33
N PHE A 72 -14.67 8.12 3.82
CA PHE A 72 -14.09 6.81 3.60
C PHE A 72 -13.16 6.90 2.38
N ILE A 73 -13.71 7.43 1.29
CA ILE A 73 -12.97 7.60 0.03
C ILE A 73 -13.16 9.01 -0.55
N VAL A 74 -12.04 9.67 -0.86
CA VAL A 74 -12.04 11.01 -1.44
C VAL A 74 -11.23 10.95 -2.74
N ASP A 75 -11.80 11.48 -3.82
CA ASP A 75 -11.18 11.53 -5.16
C ASP A 75 -10.67 10.16 -5.63
N GLY A 76 -11.45 9.12 -5.33
CA GLY A 76 -11.10 7.76 -5.69
C GLY A 76 -10.13 7.10 -4.71
N ALA A 77 -10.11 5.77 -4.73
CA ALA A 77 -9.20 5.00 -3.89
C ALA A 77 -7.96 4.77 -4.76
N THR A 78 -6.97 5.67 -4.61
CA THR A 78 -5.76 5.63 -5.42
C THR A 78 -4.47 5.39 -4.62
N ARG A 79 -3.37 5.23 -5.33
CA ARG A 79 -2.06 4.97 -4.73
C ARG A 79 -1.51 6.10 -3.85
N THR A 80 -1.94 7.34 -4.13
CA THR A 80 -1.52 8.51 -3.35
C THR A 80 -2.13 8.48 -1.94
N ASP A 81 -3.09 7.57 -1.76
CA ASP A 81 -3.78 7.38 -0.49
C ASP A 81 -3.01 6.47 0.46
N ILE A 82 -1.88 5.96 -0.02
CA ILE A 82 -1.05 5.05 0.77
C ILE A 82 0.29 5.69 1.17
N CYS A 83 0.34 6.18 2.41
CA CYS A 83 1.55 6.81 2.95
C CYS A 83 1.86 6.15 4.28
N GLN A 84 2.93 5.35 4.29
CA GLN A 84 3.40 4.60 5.46
C GLN A 84 3.64 5.40 6.73
N GLY A 85 3.28 4.79 7.86
CA GLY A 85 3.48 5.39 9.16
C GLY A 85 4.61 4.74 9.93
N ALA A 86 4.47 4.69 11.25
CA ALA A 86 5.48 4.13 12.15
C ALA A 86 5.44 2.61 12.30
N LEU A 87 5.54 1.93 11.16
CA LEU A 87 5.49 0.47 11.07
C LEU A 87 6.22 0.02 9.83
N GLY A 88 6.86 -1.13 9.90
CA GLY A 88 7.60 -1.66 8.76
C GLY A 88 6.76 -2.53 7.85
N ASP A 89 5.58 -2.04 7.46
CA ASP A 89 4.69 -2.80 6.57
C ASP A 89 4.69 -2.34 5.12
N CYS A 90 5.88 -1.97 4.63
CA CYS A 90 6.03 -1.50 3.25
C CYS A 90 5.54 -2.52 2.23
N TRP A 91 5.75 -3.80 2.55
CA TRP A 91 5.33 -4.92 1.71
C TRP A 91 3.83 -4.92 1.44
N LEU A 92 3.07 -4.67 2.50
CA LEU A 92 1.62 -4.60 2.45
C LEU A 92 1.17 -3.35 1.72
N LEU A 93 1.78 -2.23 2.10
CA LEU A 93 1.43 -0.94 1.51
C LEU A 93 1.77 -0.81 0.03
N ALA A 94 2.87 -1.44 -0.38
CA ALA A 94 3.29 -1.46 -1.78
C ALA A 94 2.24 -2.26 -2.56
N ALA A 95 1.72 -3.30 -1.91
CA ALA A 95 0.68 -4.12 -2.51
C ALA A 95 -0.65 -3.41 -2.64
N ILE A 96 -1.02 -2.62 -1.63
CA ILE A 96 -2.28 -1.86 -1.66
C ILE A 96 -2.20 -0.80 -2.75
N ALA A 97 -1.03 -0.16 -2.89
CA ALA A 97 -0.81 0.86 -3.92
C ALA A 97 -0.96 0.27 -5.33
N SER A 98 -0.42 -0.94 -5.50
CA SER A 98 -0.50 -1.67 -6.78
C SER A 98 -1.94 -2.11 -7.07
N LEU A 99 -2.65 -2.51 -6.00
CA LEU A 99 -4.05 -2.96 -6.05
C LEU A 99 -4.98 -1.89 -6.65
N THR A 100 -4.71 -0.64 -6.34
CA THR A 100 -5.53 0.48 -6.83
C THR A 100 -5.50 0.70 -8.34
N LEU A 101 -4.49 0.11 -9.00
CA LEU A 101 -4.33 0.23 -10.45
C LEU A 101 -5.21 -0.75 -11.26
N ASN A 102 -5.87 -1.65 -10.55
CA ASN A 102 -6.75 -2.64 -11.19
C ASN A 102 -8.11 -2.50 -10.51
N GLU A 103 -9.08 -1.99 -11.27
CA GLU A 103 -10.45 -1.77 -10.80
C GLU A 103 -11.17 -3.02 -10.30
N THR A 104 -10.98 -4.15 -10.98
CA THR A 104 -11.63 -5.42 -10.60
C THR A 104 -11.16 -5.93 -9.24
N ILE A 105 -9.86 -5.83 -8.98
CA ILE A 105 -9.27 -6.28 -7.72
C ILE A 105 -9.56 -5.28 -6.59
N LEU A 106 -9.53 -3.98 -6.90
CA LEU A 106 -9.83 -2.93 -5.93
C LEU A 106 -11.25 -3.04 -5.38
N HIS A 107 -12.20 -3.30 -6.27
CA HIS A 107 -13.62 -3.44 -5.90
C HIS A 107 -14.03 -4.78 -5.31
N ARG A 108 -13.08 -5.70 -5.26
CA ARG A 108 -13.31 -6.99 -4.64
C ARG A 108 -12.86 -6.82 -3.19
N VAL A 109 -11.68 -6.23 -3.01
CA VAL A 109 -11.08 -5.97 -1.71
C VAL A 109 -11.80 -4.90 -0.89
N VAL A 110 -12.23 -3.82 -1.55
CA VAL A 110 -12.94 -2.73 -0.88
C VAL A 110 -14.39 -2.66 -1.40
N PRO A 111 -15.37 -3.18 -0.61
CA PRO A 111 -16.79 -3.16 -1.01
C PRO A 111 -17.40 -1.76 -1.06
N TYR A 112 -18.49 -1.63 -1.82
CA TYR A 112 -19.22 -0.37 -1.97
C TYR A 112 -20.11 -0.07 -0.77
N GLY A 113 -20.61 1.16 -0.73
CA GLY A 113 -21.55 1.60 0.30
C GLY A 113 -21.06 1.89 1.70
N GLN A 114 -19.76 2.11 1.87
CA GLN A 114 -19.19 2.39 3.19
C GLN A 114 -18.93 3.88 3.33
N SER A 115 -19.41 4.46 4.43
CA SER A 115 -19.23 5.90 4.69
C SER A 115 -19.36 6.30 6.15
N PHE A 116 -19.08 7.58 6.39
CA PHE A 116 -19.17 8.17 7.72
C PHE A 116 -20.45 8.98 7.87
N GLN A 117 -21.24 9.01 6.81
CA GLN A 117 -22.51 9.73 6.78
C GLN A 117 -23.68 8.73 6.89
N GLU A 118 -24.39 8.49 5.77
CA GLU A 118 -25.54 7.57 5.73
C GLU A 118 -25.15 6.11 5.89
N GLY A 119 -25.74 5.46 6.89
CA GLY A 119 -25.48 4.06 7.17
C GLY A 119 -24.31 3.80 8.10
N TYR A 120 -23.77 4.86 8.70
CA TYR A 120 -22.63 4.76 9.62
C TYR A 120 -23.01 4.15 10.97
N ALA A 121 -22.20 3.19 11.40
CA ALA A 121 -22.40 2.50 12.68
C ALA A 121 -21.06 2.07 13.27
N GLY A 122 -19.98 2.75 12.87
CA GLY A 122 -18.65 2.46 13.37
C GLY A 122 -18.04 1.15 12.91
N ILE A 123 -18.56 0.61 11.81
CA ILE A 123 -18.10 -0.67 11.26
C ILE A 123 -17.78 -0.59 9.77
N PHE A 124 -16.65 -1.18 9.41
CA PHE A 124 -16.18 -1.24 8.02
C PHE A 124 -15.75 -2.66 7.70
N HIS A 125 -15.70 -2.99 6.40
CA HIS A 125 -15.29 -4.32 5.98
C HIS A 125 -14.49 -4.37 4.71
N PHE A 126 -13.68 -5.42 4.59
CA PHE A 126 -12.82 -5.66 3.43
C PHE A 126 -12.84 -7.15 3.11
N GLN A 127 -12.58 -7.49 1.85
CA GLN A 127 -12.54 -8.88 1.43
C GLN A 127 -11.13 -9.28 1.01
N LEU A 128 -10.63 -10.35 1.64
CA LEU A 128 -9.29 -10.85 1.39
C LEU A 128 -9.33 -12.35 1.08
N TRP A 129 -8.34 -12.82 0.34
CA TRP A 129 -8.24 -14.23 -0.01
C TRP A 129 -7.51 -14.90 1.14
N GLN A 130 -8.16 -15.91 1.73
CA GLN A 130 -7.58 -16.67 2.81
C GLN A 130 -8.06 -18.10 2.69
N PHE A 131 -7.09 -19.01 2.70
CA PHE A 131 -7.31 -20.46 2.61
C PHE A 131 -8.11 -20.90 1.38
N GLY A 132 -7.71 -20.39 0.22
CA GLY A 132 -8.35 -20.73 -1.04
C GLY A 132 -9.74 -20.20 -1.30
N GLU A 133 -10.13 -19.12 -0.61
CA GLU A 133 -11.45 -18.51 -0.79
C GLU A 133 -11.50 -17.08 -0.28
N TRP A 134 -12.49 -16.32 -0.76
CA TRP A 134 -12.66 -14.94 -0.33
C TRP A 134 -13.34 -14.92 1.04
N VAL A 135 -12.77 -14.13 1.95
CA VAL A 135 -13.32 -13.99 3.30
C VAL A 135 -13.62 -12.50 3.56
N ASP A 136 -14.71 -12.23 4.28
CA ASP A 136 -15.09 -10.86 4.61
C ASP A 136 -14.64 -10.57 6.04
N VAL A 137 -13.75 -9.58 6.17
CA VAL A 137 -13.19 -9.18 7.46
C VAL A 137 -13.76 -7.83 7.91
N VAL A 138 -14.29 -7.78 9.12
CA VAL A 138 -14.84 -6.53 9.65
C VAL A 138 -13.88 -5.89 10.65
N VAL A 139 -14.03 -4.59 10.84
CA VAL A 139 -13.24 -3.82 11.80
C VAL A 139 -14.08 -2.66 12.31
N ASP A 140 -13.81 -2.23 13.53
CA ASP A 140 -14.48 -1.02 14.02
C ASP A 140 -13.53 0.09 13.56
N ASP A 141 -13.96 1.34 13.62
CA ASP A 141 -13.11 2.42 13.14
C ASP A 141 -12.18 3.12 14.12
N LEU A 142 -11.93 2.49 15.28
CA LEU A 142 -10.99 3.04 16.28
C LEU A 142 -9.59 2.83 15.72
N LEU A 143 -8.89 3.93 15.46
CA LEU A 143 -7.55 3.88 14.88
C LEU A 143 -6.51 4.54 15.79
N PRO A 144 -5.26 4.01 15.82
CA PRO A 144 -4.21 4.58 16.67
C PRO A 144 -3.83 5.98 16.20
N THR A 145 -3.92 6.93 17.12
CA THR A 145 -3.61 8.33 16.85
C THR A 145 -2.67 8.90 17.91
N LYS A 146 -1.88 9.89 17.50
CA LYS A 146 -0.96 10.58 18.40
C LYS A 146 -1.10 12.05 18.04
N ASP A 147 -1.50 12.85 19.04
CA ASP A 147 -1.74 14.30 18.91
C ASP A 147 -2.75 14.67 17.81
N GLY A 148 -3.75 13.78 17.64
CA GLY A 148 -4.80 13.98 16.66
C GLY A 148 -4.51 13.49 15.24
N LYS A 149 -3.34 12.89 15.04
CA LYS A 149 -2.93 12.39 13.73
C LYS A 149 -2.70 10.88 13.74
N LEU A 150 -3.02 10.22 12.62
CA LEU A 150 -2.82 8.77 12.47
C LEU A 150 -1.34 8.41 12.60
N VAL A 151 -1.06 7.34 13.34
CA VAL A 151 0.31 6.87 13.58
C VAL A 151 0.80 5.96 12.45
N PHE A 152 -0.11 5.13 11.94
CA PHE A 152 0.25 4.20 10.88
C PHE A 152 -0.10 4.72 9.49
N VAL A 153 -0.60 3.89 8.57
CA VAL A 153 -0.90 4.40 7.22
C VAL A 153 -1.96 5.51 7.19
N HIS A 154 -1.69 6.49 6.35
CA HIS A 154 -2.57 7.63 6.19
C HIS A 154 -2.58 8.03 4.74
N SER A 155 -3.56 8.83 4.38
CA SER A 155 -3.68 9.31 3.01
C SER A 155 -3.04 10.68 2.89
N ALA A 156 -2.69 11.07 1.67
CA ALA A 156 -2.11 12.38 1.38
C ALA A 156 -3.23 13.42 1.59
N GLN A 157 -4.47 12.91 1.57
CA GLN A 157 -5.69 13.66 1.80
C GLN A 157 -6.03 13.35 3.28
N GLY A 158 -5.86 14.37 4.13
CA GLY A 158 -6.08 14.25 5.56
C GLY A 158 -7.37 13.69 6.13
N ASN A 159 -8.47 13.83 5.40
CA ASN A 159 -9.77 13.34 5.87
C ASN A 159 -10.23 12.01 5.24
N GLU A 160 -9.29 11.31 4.60
CA GLU A 160 -9.60 10.03 3.94
C GLU A 160 -9.10 8.86 4.79
N PHE A 161 -10.00 7.89 5.05
CA PHE A 161 -9.68 6.77 5.92
C PHE A 161 -9.72 5.32 5.44
N TRP A 162 -10.02 5.07 4.17
CA TRP A 162 -10.08 3.68 3.67
C TRP A 162 -8.81 2.85 3.83
N SER A 163 -7.66 3.44 3.49
CA SER A 163 -6.37 2.77 3.58
C SER A 163 -5.99 2.48 5.02
N ALA A 164 -6.35 3.40 5.92
CA ALA A 164 -6.09 3.26 7.36
C ALA A 164 -6.89 2.07 7.90
N LEU A 165 -8.12 1.96 7.40
CA LEU A 165 -9.02 0.87 7.81
C LEU A 165 -8.63 -0.48 7.22
N LEU A 166 -8.10 -0.49 5.98
CA LEU A 166 -7.65 -1.74 5.33
C LEU A 166 -6.42 -2.29 6.05
N GLU A 167 -5.51 -1.39 6.41
CA GLU A 167 -4.30 -1.78 7.14
C GLU A 167 -4.71 -2.31 8.53
N LYS A 168 -5.77 -1.72 9.11
CA LYS A 168 -6.26 -2.17 10.41
C LYS A 168 -6.83 -3.59 10.29
N ALA A 169 -7.52 -3.87 9.17
CA ALA A 169 -8.10 -5.20 8.92
C ALA A 169 -6.98 -6.25 8.85
N TYR A 170 -5.84 -5.85 8.28
CA TYR A 170 -4.67 -6.71 8.18
C TYR A 170 -4.04 -6.97 9.52
N ALA A 171 -4.02 -5.93 10.36
CA ALA A 171 -3.48 -6.00 11.71
C ALA A 171 -4.34 -6.94 12.56
N LYS A 172 -5.64 -6.89 12.30
CA LYS A 172 -6.63 -7.74 12.98
C LYS A 172 -6.45 -9.21 12.64
N VAL A 173 -6.30 -9.49 11.34
CA VAL A 173 -6.13 -10.85 10.84
C VAL A 173 -4.81 -11.46 11.36
N ASN A 174 -3.79 -10.62 11.50
CA ASN A 174 -2.49 -11.06 11.96
C ASN A 174 -2.21 -11.00 13.46
N GLY A 175 -3.16 -10.45 14.22
CA GLY A 175 -3.01 -10.36 15.67
C GLY A 175 -2.62 -9.03 16.27
N SER A 176 -1.82 -8.26 15.54
CA SER A 176 -1.36 -6.93 15.98
C SER A 176 -0.80 -6.16 14.80
N TYR A 177 -0.57 -4.87 15.01
CA TYR A 177 0.04 -4.02 13.99
C TYR A 177 1.49 -4.43 13.81
N GLU A 178 2.16 -4.80 14.90
CA GLU A 178 3.56 -5.23 14.85
C GLU A 178 3.79 -6.52 14.05
N ALA A 179 2.76 -7.36 13.95
CA ALA A 179 2.84 -8.61 13.18
C ALA A 179 2.99 -8.31 11.68
N LEU A 180 2.75 -7.04 11.31
CA LEU A 180 2.87 -6.60 9.93
C LEU A 180 4.26 -6.02 9.61
N SER A 181 5.12 -5.93 10.63
CA SER A 181 6.48 -5.42 10.47
C SER A 181 7.40 -6.50 9.91
N GLY A 182 7.87 -6.31 8.68
CA GLY A 182 8.74 -7.28 8.04
C GLY A 182 7.93 -8.37 7.34
N GLY A 183 7.95 -8.34 6.01
CA GLY A 183 7.21 -9.33 5.24
C GLY A 183 7.59 -9.33 3.78
N CYS A 184 6.75 -9.96 2.96
CA CYS A 184 6.99 -10.06 1.53
C CYS A 184 5.77 -9.59 0.76
N THR A 185 6.02 -8.73 -0.23
CA THR A 185 4.99 -8.13 -1.09
C THR A 185 4.11 -9.20 -1.75
N SER A 186 4.75 -10.33 -2.04
CA SER A 186 4.13 -11.51 -2.65
C SER A 186 2.88 -11.99 -1.92
N GLU A 187 2.98 -12.07 -0.60
CA GLU A 187 1.87 -12.53 0.24
C GLU A 187 0.65 -11.64 0.20
N ALA A 188 0.87 -10.33 0.18
CA ALA A 188 -0.23 -9.37 0.11
C ALA A 188 -0.86 -9.39 -1.29
N PHE A 189 -0.01 -9.60 -2.32
CA PHE A 189 -0.46 -9.71 -3.72
C PHE A 189 -1.40 -10.90 -3.85
N GLU A 190 -1.02 -12.00 -3.20
CA GLU A 190 -1.79 -13.24 -3.20
C GLU A 190 -3.08 -13.12 -2.38
N ASP A 191 -3.03 -12.31 -1.32
CA ASP A 191 -4.20 -12.07 -0.48
C ASP A 191 -5.25 -11.21 -1.19
N PHE A 192 -4.83 -10.49 -2.24
CA PHE A 192 -5.72 -9.62 -3.01
C PHE A 192 -6.20 -10.23 -4.32
N THR A 193 -5.54 -11.29 -4.79
CA THR A 193 -5.90 -11.89 -6.07
C THR A 193 -6.23 -13.37 -6.06
N GLY A 194 -5.54 -14.11 -5.21
CA GLY A 194 -5.71 -15.54 -5.15
C GLY A 194 -4.78 -16.22 -6.12
N GLY A 195 -3.81 -15.45 -6.61
CA GLY A 195 -2.83 -15.96 -7.55
C GLY A 195 -1.56 -16.39 -6.85
N VAL A 196 -0.50 -16.59 -7.62
CA VAL A 196 0.80 -17.00 -7.10
C VAL A 196 1.80 -16.01 -7.70
N THR A 197 2.59 -15.37 -6.83
CA THR A 197 3.59 -14.39 -7.27
C THR A 197 4.89 -15.03 -7.76
N GLU A 198 5.36 -14.55 -8.90
CA GLU A 198 6.60 -15.00 -9.52
C GLU A 198 7.73 -14.02 -9.22
N TRP A 199 8.88 -14.55 -8.82
CA TRP A 199 10.06 -13.75 -8.50
C TRP A 199 11.06 -13.74 -9.65
N TYR A 200 11.66 -12.59 -9.90
CA TYR A 200 12.66 -12.42 -10.95
C TYR A 200 13.93 -11.87 -10.33
N ASP A 201 15.06 -12.50 -10.67
CA ASP A 201 16.38 -12.07 -10.20
C ASP A 201 16.82 -11.06 -11.25
N LEU A 202 16.84 -9.78 -10.88
CA LEU A 202 17.22 -8.71 -11.81
C LEU A 202 18.70 -8.65 -12.20
N GLN A 203 19.52 -9.47 -11.56
CA GLN A 203 20.96 -9.56 -11.86
C GLN A 203 21.13 -10.58 -13.00
N LYS A 204 20.14 -11.46 -13.15
CA LYS A 204 20.10 -12.50 -14.18
C LYS A 204 18.77 -12.34 -14.94
N ALA A 205 18.45 -11.09 -15.25
CA ALA A 205 17.22 -10.71 -15.94
C ALA A 205 17.13 -11.22 -17.39
N PRO A 206 15.99 -11.84 -17.78
CA PRO A 206 15.83 -12.34 -19.15
C PRO A 206 15.76 -11.18 -20.14
N SER A 207 16.21 -11.43 -21.37
CA SER A 207 16.25 -10.42 -22.43
C SER A 207 14.93 -9.74 -22.79
N ASP A 208 13.82 -10.42 -22.49
CA ASP A 208 12.47 -9.92 -22.78
C ASP A 208 11.70 -9.44 -21.55
N LEU A 209 12.42 -9.15 -20.45
CA LEU A 209 11.78 -8.71 -19.20
C LEU A 209 10.91 -7.47 -19.30
N TYR A 210 11.34 -6.50 -20.13
CA TYR A 210 10.55 -5.26 -20.30
C TYR A 210 9.20 -5.58 -20.95
N GLN A 211 9.19 -6.51 -21.90
CA GLN A 211 7.98 -6.93 -22.59
C GLN A 211 7.04 -7.68 -21.64
N ILE A 212 7.64 -8.46 -20.72
CA ILE A 212 6.90 -9.22 -19.70
C ILE A 212 6.23 -8.23 -18.74
N ILE A 213 6.95 -7.16 -18.40
CA ILE A 213 6.45 -6.10 -17.51
C ILE A 213 5.32 -5.32 -18.18
N LEU A 214 5.49 -5.00 -19.46
CA LEU A 214 4.48 -4.26 -20.24
C LEU A 214 3.15 -5.00 -20.34
N LYS A 215 3.22 -6.29 -20.64
CA LYS A 215 2.04 -7.15 -20.77
C LYS A 215 1.35 -7.37 -19.43
N ALA A 216 2.15 -7.46 -18.37
CA ALA A 216 1.66 -7.65 -17.01
C ALA A 216 0.89 -6.42 -16.52
N LEU A 217 1.43 -5.23 -16.78
CA LEU A 217 0.80 -3.97 -16.38
C LEU A 217 -0.48 -3.67 -17.15
N GLU A 218 -0.52 -4.08 -18.41
CA GLU A 218 -1.67 -3.88 -19.30
C GLU A 218 -2.85 -4.77 -18.86
N ARG A 219 -2.54 -5.96 -18.36
CA ARG A 219 -3.53 -6.92 -17.89
C ARG A 219 -4.06 -6.58 -16.48
N GLY A 220 -3.34 -5.68 -15.80
CA GLY A 220 -3.72 -5.27 -14.46
C GLY A 220 -3.08 -6.09 -13.36
N SER A 221 -2.00 -6.80 -13.70
CA SER A 221 -1.27 -7.63 -12.74
C SER A 221 -0.58 -6.74 -11.71
N LEU A 222 -0.30 -7.31 -10.55
CA LEU A 222 0.35 -6.60 -9.46
C LEU A 222 1.86 -6.80 -9.50
N LEU A 223 2.59 -5.68 -9.57
CA LEU A 223 4.05 -5.71 -9.66
C LEU A 223 4.73 -4.91 -8.55
N GLY A 224 5.83 -5.48 -8.02
CA GLY A 224 6.60 -4.84 -6.97
C GLY A 224 8.08 -5.10 -7.12
N CYS A 225 8.91 -4.26 -6.51
CA CYS A 225 10.36 -4.42 -6.58
C CYS A 225 11.08 -4.00 -5.31
N SER A 226 12.30 -4.52 -5.14
CA SER A 226 13.12 -4.23 -3.97
C SER A 226 14.62 -4.48 -4.20
N ILE A 227 15.43 -3.94 -3.29
CA ILE A 227 16.88 -4.10 -3.31
C ILE A 227 17.17 -5.01 -2.10
N ASN A 228 17.77 -6.16 -2.37
CA ASN A 228 18.11 -7.14 -1.34
C ASN A 228 19.22 -6.70 -0.41
N ILE A 229 19.15 -7.16 0.84
CA ILE A 229 20.14 -6.87 1.87
C ILE A 229 20.77 -8.18 2.35
N SER A 230 21.99 -8.08 2.87
CA SER A 230 22.73 -9.24 3.38
C SER A 230 22.71 -9.30 4.92
N ASP A 231 22.59 -8.12 5.55
CA ASP A 231 22.55 -8.00 7.00
C ASP A 231 21.45 -7.06 7.49
N ILE A 232 21.01 -7.27 8.75
CA ILE A 232 19.93 -6.49 9.38
C ILE A 232 20.21 -5.00 9.67
N ARG A 233 21.49 -4.62 9.76
CA ARG A 233 21.88 -3.23 10.02
C ARG A 233 21.75 -2.32 8.80
N ASP A 234 21.65 -2.93 7.62
CA ASP A 234 21.49 -2.21 6.35
C ASP A 234 20.03 -2.21 5.89
N LEU A 235 19.13 -2.51 6.82
CA LEU A 235 17.69 -2.53 6.57
C LEU A 235 17.18 -1.09 6.63
N GLU A 236 16.44 -0.71 5.58
CA GLU A 236 15.88 0.64 5.36
C GLU A 236 16.97 1.69 5.11
N ALA A 237 18.16 1.22 4.73
CA ALA A 237 19.30 2.09 4.43
C ALA A 237 19.10 2.76 3.09
N ILE A 238 19.51 4.03 3.03
CA ILE A 238 19.37 4.84 1.83
C ILE A 238 20.62 4.73 0.94
N THR A 239 20.42 4.59 -0.37
CA THR A 239 21.53 4.52 -1.33
C THR A 239 21.85 5.99 -1.64
N PHE A 240 22.99 6.24 -2.30
CA PHE A 240 23.36 7.62 -2.63
C PHE A 240 22.37 8.31 -3.56
N LYS A 241 21.78 7.54 -4.47
CA LYS A 241 20.80 8.06 -5.42
C LYS A 241 19.36 8.06 -4.87
N ASN A 242 19.26 7.95 -3.55
CA ASN A 242 18.01 8.00 -2.78
C ASN A 242 16.98 6.87 -2.87
N LEU A 243 17.47 5.65 -3.08
CA LEU A 243 16.60 4.49 -3.08
C LEU A 243 16.73 3.90 -1.69
N VAL A 244 15.71 3.18 -1.23
CA VAL A 244 15.71 2.57 0.09
C VAL A 244 15.89 1.05 -0.06
N ARG A 245 16.88 0.49 0.65
CA ARG A 245 17.18 -0.95 0.61
C ARG A 245 16.33 -1.76 1.58
N GLY A 246 16.01 -3.01 1.20
CA GLY A 246 15.19 -3.92 2.02
C GLY A 246 13.82 -3.32 2.27
N HIS A 247 13.33 -2.64 1.24
CA HIS A 247 12.07 -1.92 1.27
C HIS A 247 11.29 -2.21 -0.01
N ALA A 248 9.99 -2.47 0.14
CA ALA A 248 9.14 -2.77 -1.00
C ALA A 248 8.63 -1.54 -1.72
N TYR A 249 8.75 -1.57 -3.05
CA TYR A 249 8.27 -0.51 -3.93
C TYR A 249 7.18 -1.12 -4.81
N SER A 250 6.24 -0.31 -5.27
CA SER A 250 5.18 -0.77 -6.17
C SER A 250 5.66 -0.38 -7.57
N VAL A 251 5.53 -1.27 -8.56
CA VAL A 251 5.89 -0.89 -9.94
C VAL A 251 4.54 -0.46 -10.52
N THR A 252 4.46 0.82 -10.88
CA THR A 252 3.21 1.42 -11.36
C THR A 252 2.99 1.72 -12.84
N ASP A 253 4.05 1.68 -13.65
CA ASP A 253 3.94 1.95 -15.10
C ASP A 253 5.24 1.59 -15.81
N ALA A 254 5.15 1.48 -17.13
CA ALA A 254 6.27 1.20 -18.01
C ALA A 254 5.87 1.82 -19.35
N LYS A 255 6.59 2.85 -19.76
CA LYS A 255 6.33 3.58 -21.01
C LYS A 255 7.62 3.95 -21.70
N GLN A 256 7.53 4.22 -22.99
CA GLN A 256 8.68 4.63 -23.79
C GLN A 256 8.62 6.13 -24.08
N VAL A 257 9.80 6.72 -24.23
CA VAL A 257 9.94 8.14 -24.58
C VAL A 257 10.97 8.25 -25.68
N THR A 258 10.92 9.36 -26.41
CA THR A 258 11.90 9.63 -27.46
C THR A 258 12.99 10.47 -26.79
N TYR A 259 14.19 9.92 -26.74
CA TYR A 259 15.35 10.58 -26.13
C TYR A 259 16.54 10.43 -27.06
N GLN A 260 17.11 11.57 -27.46
CA GLN A 260 18.27 11.66 -28.37
C GLN A 260 18.07 10.88 -29.67
N GLY A 261 16.85 10.96 -30.18
CA GLY A 261 16.47 10.29 -31.42
C GLY A 261 16.18 8.80 -31.39
N GLN A 262 16.08 8.23 -30.18
CA GLN A 262 15.79 6.79 -30.01
C GLN A 262 14.67 6.60 -28.98
N ARG A 263 13.91 5.51 -29.11
CA ARG A 263 12.84 5.20 -28.15
C ARG A 263 13.51 4.45 -27.00
N VAL A 264 13.50 5.07 -25.81
CA VAL A 264 14.10 4.50 -24.61
C VAL A 264 13.04 3.93 -23.66
N ASN A 265 13.35 2.79 -23.06
CA ASN A 265 12.48 2.07 -22.13
C ASN A 265 12.55 2.65 -20.72
N LEU A 266 11.42 3.14 -20.21
CA LEU A 266 11.34 3.69 -18.86
C LEU A 266 10.39 2.87 -18.00
N ILE A 267 10.55 2.99 -16.69
CA ILE A 267 9.72 2.25 -15.74
C ILE A 267 9.41 3.17 -14.56
N ARG A 268 8.18 3.09 -14.05
CA ARG A 268 7.73 3.91 -12.93
C ARG A 268 7.42 3.08 -11.69
N MET A 269 7.97 3.53 -10.56
CA MET A 269 7.70 2.89 -9.28
C MET A 269 7.34 3.89 -8.20
N ARG A 270 6.72 3.39 -7.14
CA ARG A 270 6.29 4.23 -6.03
C ARG A 270 6.71 3.71 -4.68
N ASN A 271 7.34 4.59 -3.91
CA ASN A 271 7.78 4.30 -2.55
C ASN A 271 6.52 4.47 -1.69
N PRO A 272 6.11 3.41 -0.93
CA PRO A 272 4.92 3.49 -0.08
C PRO A 272 4.96 4.49 1.07
N TRP A 273 6.12 5.15 1.24
CA TRP A 273 6.28 6.21 2.25
C TRP A 273 5.55 7.45 1.75
N GLY A 274 5.38 7.54 0.42
CA GLY A 274 4.72 8.69 -0.18
C GLY A 274 5.68 9.86 -0.28
N GLU A 275 6.97 9.54 -0.14
CA GLU A 275 8.10 10.50 -0.19
C GLU A 275 9.38 9.69 -0.33
N VAL A 276 10.52 10.40 -0.49
CA VAL A 276 11.88 9.83 -0.66
C VAL A 276 11.95 9.06 -1.98
N GLU A 277 12.41 9.77 -3.00
CA GLU A 277 12.49 9.28 -4.37
C GLU A 277 13.89 9.24 -4.95
N TRP A 278 14.02 8.46 -6.02
CA TRP A 278 15.27 8.31 -6.80
C TRP A 278 15.67 9.70 -7.29
N LYS A 279 16.97 9.97 -7.25
CA LYS A 279 17.50 11.26 -7.66
C LYS A 279 18.45 11.19 -8.87
N GLY A 280 18.53 10.02 -9.50
CA GLY A 280 19.39 9.85 -10.66
C GLY A 280 18.68 10.16 -11.97
N PRO A 281 19.16 9.65 -13.12
CA PRO A 281 18.52 9.90 -14.41
C PRO A 281 17.04 9.56 -14.45
N TRP A 282 16.25 10.46 -15.05
CA TRP A 282 14.80 10.35 -15.20
C TRP A 282 13.96 10.67 -13.96
N SER A 283 14.64 11.10 -12.89
CA SER A 283 13.95 11.52 -11.66
C SER A 283 13.17 12.80 -11.97
N ASP A 284 12.26 13.17 -11.08
CA ASP A 284 11.39 14.35 -11.26
C ASP A 284 12.04 15.65 -11.76
N ASN A 285 13.18 16.00 -11.15
CA ASN A 285 13.89 17.23 -11.50
C ASN A 285 15.12 17.02 -12.39
N SER A 286 15.25 15.83 -12.96
CA SER A 286 16.39 15.50 -13.81
C SER A 286 16.32 16.13 -15.20
N TYR A 287 17.49 16.42 -15.76
CA TYR A 287 17.64 17.07 -17.06
C TYR A 287 17.21 16.29 -18.31
N GLU A 288 17.10 14.96 -18.20
CA GLU A 288 16.70 14.10 -19.32
C GLU A 288 15.33 14.45 -19.91
N TRP A 289 14.43 14.92 -19.05
CA TRP A 289 13.08 15.30 -19.43
C TRP A 289 12.99 16.54 -20.33
N ASN A 290 14.06 17.34 -20.34
CA ASN A 290 14.13 18.56 -21.17
C ASN A 290 14.33 18.20 -22.64
N LYS A 291 14.91 17.03 -22.88
CA LYS A 291 15.19 16.52 -24.23
C LYS A 291 14.07 15.72 -24.87
N VAL A 292 13.01 15.42 -24.11
CA VAL A 292 11.87 14.68 -24.66
C VAL A 292 10.83 15.70 -25.13
N ASP A 293 9.97 15.30 -26.08
CA ASP A 293 8.94 16.19 -26.62
C ASP A 293 7.88 16.57 -25.56
N PRO A 294 7.37 17.84 -25.58
CA PRO A 294 6.36 18.34 -24.64
C PRO A 294 5.21 17.44 -24.20
N TYR A 295 4.64 16.68 -25.14
CA TYR A 295 3.51 15.78 -24.82
C TYR A 295 3.90 14.62 -23.89
N GLU A 296 5.01 13.95 -24.21
CA GLU A 296 5.50 12.82 -23.41
C GLU A 296 5.95 13.26 -22.02
N ARG A 297 6.47 14.49 -21.97
CA ARG A 297 6.93 15.13 -20.74
C ARG A 297 5.74 15.40 -19.82
N GLU A 298 4.68 15.98 -20.39
CA GLU A 298 3.46 16.32 -19.67
C GLU A 298 2.57 15.12 -19.29
N GLN A 299 2.65 14.04 -20.06
CA GLN A 299 1.85 12.84 -19.80
C GLN A 299 2.47 11.93 -18.75
N LEU A 300 3.79 11.88 -18.72
CA LEU A 300 4.52 11.00 -17.80
C LEU A 300 5.14 11.62 -16.56
N ARG A 301 5.82 12.76 -16.72
CA ARG A 301 6.48 13.43 -15.60
C ARG A 301 5.54 14.29 -14.77
N VAL A 302 5.60 14.06 -13.45
CA VAL A 302 4.83 14.79 -12.46
C VAL A 302 5.87 15.26 -11.44
N LYS A 303 6.15 16.56 -11.41
CA LYS A 303 7.11 17.14 -10.47
C LYS A 303 6.48 17.33 -9.10
N MET A 304 6.53 16.27 -8.29
CA MET A 304 5.94 16.28 -6.95
C MET A 304 6.59 15.24 -6.05
N GLU A 305 6.76 15.61 -4.78
CA GLU A 305 7.33 14.73 -3.75
C GLU A 305 6.13 13.86 -3.32
N ASP A 306 5.90 12.79 -4.07
CA ASP A 306 4.78 11.88 -3.86
C ASP A 306 5.19 10.41 -3.73
N GLY A 307 6.50 10.16 -3.75
CA GLY A 307 7.03 8.80 -3.64
C GLY A 307 7.15 8.10 -4.98
N GLU A 308 6.55 8.70 -6.01
CA GLU A 308 6.54 8.15 -7.36
C GLU A 308 7.56 8.81 -8.27
N PHE A 309 8.25 7.98 -9.05
CA PHE A 309 9.30 8.46 -9.96
C PHE A 309 9.54 7.50 -11.12
N TRP A 310 10.33 7.96 -12.07
CA TRP A 310 10.70 7.17 -13.23
C TRP A 310 12.19 6.88 -13.21
N MET A 311 12.58 5.77 -13.84
CA MET A 311 13.97 5.35 -14.00
C MET A 311 14.03 4.72 -15.39
N SER A 312 15.22 4.68 -15.98
CA SER A 312 15.37 4.00 -17.27
C SER A 312 15.36 2.52 -16.90
N PHE A 313 14.92 1.65 -17.81
CA PHE A 313 14.92 0.22 -17.53
C PHE A 313 16.34 -0.29 -17.32
N ARG A 314 17.31 0.35 -17.97
CA ARG A 314 18.73 0.02 -17.86
C ARG A 314 19.22 0.25 -16.42
N ASP A 315 18.82 1.37 -15.83
CA ASP A 315 19.18 1.72 -14.46
C ASP A 315 18.41 0.87 -13.44
N PHE A 316 17.16 0.56 -13.76
CA PHE A 316 16.28 -0.26 -12.91
C PHE A 316 16.89 -1.63 -12.61
N ILE A 317 17.33 -2.32 -13.66
CA ILE A 317 17.92 -3.66 -13.51
C ILE A 317 19.32 -3.67 -12.89
N ARG A 318 19.93 -2.49 -12.77
CA ARG A 318 21.26 -2.33 -12.17
C ARG A 318 21.11 -1.99 -10.68
N GLU A 319 20.02 -1.31 -10.33
CA GLU A 319 19.77 -0.88 -8.95
C GLU A 319 18.93 -1.85 -8.12
N PHE A 320 17.75 -2.20 -8.63
CA PHE A 320 16.87 -3.14 -7.95
C PHE A 320 17.35 -4.56 -8.23
N THR A 321 17.17 -5.45 -7.25
CA THR A 321 17.62 -6.84 -7.38
C THR A 321 16.50 -7.88 -7.49
N LYS A 322 15.29 -7.49 -7.09
CA LYS A 322 14.16 -8.41 -7.15
C LYS A 322 12.90 -7.75 -7.70
N LEU A 323 12.21 -8.46 -8.58
CA LEU A 323 10.95 -8.02 -9.17
C LEU A 323 9.93 -9.11 -8.85
N GLU A 324 8.76 -8.69 -8.37
CA GLU A 324 7.69 -9.62 -8.02
C GLU A 324 6.47 -9.34 -8.88
N ILE A 325 6.01 -10.34 -9.65
CA ILE A 325 4.83 -10.18 -10.51
C ILE A 325 3.76 -11.21 -10.16
N CYS A 326 2.56 -10.73 -9.84
CA CYS A 326 1.44 -11.59 -9.51
C CYS A 326 0.35 -11.41 -10.56
N ASN A 327 0.19 -12.43 -11.40
CA ASN A 327 -0.81 -12.43 -12.46
C ASN A 327 -2.19 -12.85 -11.99
N LEU A 328 -3.20 -12.45 -12.75
CA LEU A 328 -4.61 -12.73 -12.48
C LEU A 328 -5.04 -14.14 -12.89
N LEU B 2 12.96 -10.53 4.11
CA LEU B 2 11.82 -9.76 4.59
C LEU B 2 12.05 -8.28 4.38
N LEU B 3 11.02 -7.63 3.86
CA LEU B 3 11.07 -6.21 3.56
C LEU B 3 10.28 -5.42 4.59
#